data_9FWY
#
_entry.id   9FWY
#
_cell.length_a   43.220
_cell.length_b   90.900
_cell.length_c   152.430
_cell.angle_alpha   90.00
_cell.angle_beta   90.00
_cell.angle_gamma   90.00
#
_symmetry.space_group_name_H-M   'P 21 21 21'
#
loop_
_entity.id
_entity.type
_entity.pdbx_description
1 polymer 'Floricaula/leafy-like transcription factor'
2 polymer 'DNA (29-MER)'
3 polymer 'DNA (29-MER)'
4 water water
#
loop_
_entity_poly.entity_id
_entity_poly.type
_entity_poly.pdbx_seq_one_letter_code
_entity_poly.pdbx_strand_id
1 'polypeptide(L)'
;GAMEGEEGDDRPREHPFVVTEPGELARGKKNGLDYLFNLYEQAGKFLEEVQHIAREKGEKCPTKVTNQVFRHAKVQGAGY
INKPKMRQYVHCYALHCLASDKSDELRRCCKERGENVGAWCQACYLPLIKMAKEKSWDIEGLFNSHDKLKIWYVPKKLIQ
LCHQEKSKH
;
A,B
2 'polydeoxyribonucleotide'
;(DG)(DC)(DC)(DA)(DC)(DG)(DG)(DG)(DC)(DG)(DA)(DC)(DC)(DA)(DG)(DC)(DG)(DG)(DA)(DC)
(DG)(DG)(DT)(DG)(DA)(DG)(DC)(DA)(DC)
;
F
3 'polydeoxyribonucleotide'
;(DG)(DT)(DG)(DC)(DT)(DC)(DA)(DC)(DC)(DG)(DT)(DC)(DC)(DG)(DC)(DT)(DG)(DG)(DT)(DC)
(DG)(DC)(DC)(DC)(DG)(DT)(DG)(DG)(DC)
;
G
#
loop_
_chem_comp.id
_chem_comp.type
_chem_comp.name
_chem_comp.formula
DA DNA linking 2'-DEOXYADENOSINE-5'-MONOPHOSPHATE 'C10 H14 N5 O6 P'
DC DNA linking 2'-DEOXYCYTIDINE-5'-MONOPHOSPHATE 'C9 H14 N3 O7 P'
DG DNA linking 2'-DEOXYGUANOSINE-5'-MONOPHOSPHATE 'C10 H14 N5 O7 P'
DT DNA linking THYMIDINE-5'-MONOPHOSPHATE 'C10 H15 N2 O8 P'
#
# COMPACT_ATOMS: atom_id res chain seq x y z
N ASP A 9 26.45 19.20 2.79
CA ASP A 9 25.81 19.91 3.90
C ASP A 9 24.37 20.28 3.53
N ASP A 10 23.48 19.28 3.60
CA ASP A 10 22.06 19.51 3.39
C ASP A 10 21.32 19.85 4.69
N ARG A 11 22.06 19.80 5.81
CA ARG A 11 21.53 20.16 7.13
C ARG A 11 22.59 19.90 8.20
N PRO A 12 22.73 20.78 9.22
CA PRO A 12 23.45 20.45 10.45
C PRO A 12 22.61 19.54 11.36
N ARG A 13 23.30 18.70 12.14
CA ARG A 13 22.64 17.73 12.99
C ARG A 13 21.75 18.43 14.01
N GLU A 14 20.53 17.90 14.18
CA GLU A 14 19.47 18.62 14.86
C GLU A 14 19.55 18.47 16.37
N HIS A 15 18.91 19.42 17.08
CA HIS A 15 18.85 19.41 18.53
C HIS A 15 18.07 18.21 19.06
N PRO A 16 18.52 17.57 20.17
CA PRO A 16 17.77 16.47 20.79
C PRO A 16 16.36 16.86 21.24
N PHE A 17 15.43 15.90 21.15
CA PHE A 17 14.08 16.10 21.63
C PHE A 17 14.03 16.01 23.16
N VAL A 18 13.01 16.64 23.75
CA VAL A 18 12.75 16.55 25.18
C VAL A 18 11.25 16.50 25.41
N VAL A 19 10.84 15.90 26.54
CA VAL A 19 9.43 15.78 26.87
C VAL A 19 8.88 17.17 27.15
N THR A 20 7.65 17.42 26.70
CA THR A 20 7.08 18.76 26.66
C THR A 20 5.60 18.70 27.00
N GLU A 21 5.10 19.74 27.68
CA GLU A 21 3.67 19.88 27.90
C GLU A 21 3.09 20.45 26.62
N PRO A 22 1.84 20.08 26.22
CA PRO A 22 1.25 20.61 24.99
C PRO A 22 1.33 22.14 24.92
N GLY A 23 2.24 22.66 24.09
CA GLY A 23 2.38 24.10 23.91
C GLY A 23 3.57 24.75 24.61
N GLU A 24 4.34 23.96 25.36
CA GLU A 24 5.57 24.43 25.98
C GLU A 24 6.67 24.53 24.91
N LEU A 25 7.50 25.58 25.01
CA LEU A 25 8.49 25.92 24.01
C LEU A 25 9.68 24.97 23.90
N ALA A 26 10.08 24.38 25.03
CA ALA A 26 11.26 23.53 25.10
C ALA A 26 12.54 24.35 24.97
N ARG A 27 12.77 25.24 25.95
CA ARG A 27 13.93 26.12 25.95
C ARG A 27 15.28 25.40 26.11
N GLY A 28 16.26 25.84 25.31
CA GLY A 28 17.58 25.24 25.26
C GLY A 28 17.91 24.72 23.87
N LYS A 29 19.10 24.12 23.72
CA LYS A 29 19.48 23.47 22.47
C LYS A 29 18.75 22.13 22.38
N LYS A 30 17.41 22.21 22.36
CA LYS A 30 16.53 21.05 22.47
C LYS A 30 15.22 21.36 21.75
N ASN A 31 14.64 20.34 21.10
CA ASN A 31 13.35 20.47 20.45
C ASN A 31 12.23 19.82 21.28
N GLY A 32 11.02 20.36 21.14
CA GLY A 32 9.85 19.87 21.86
C GLY A 32 9.06 18.82 21.08
N LEU A 33 8.01 18.27 21.71
CA LEU A 33 7.25 17.19 21.14
C LEU A 33 6.22 17.66 20.10
N ASP A 34 5.68 18.87 20.29
CA ASP A 34 4.77 19.46 19.31
C ASP A 34 5.49 19.72 17.98
N TYR A 35 6.76 20.10 18.07
CA TYR A 35 7.67 20.14 16.93
C TYR A 35 7.78 18.76 16.29
N LEU A 36 8.10 17.75 17.11
CA LEU A 36 8.16 16.37 16.65
C LEU A 36 6.95 16.00 15.80
N PHE A 37 5.76 16.30 16.32
CA PHE A 37 4.51 16.00 15.64
C PHE A 37 4.33 16.82 14.36
N ASN A 38 4.78 18.08 14.40
CA ASN A 38 4.74 18.92 13.20
C ASN A 38 5.52 18.27 12.06
N LEU A 39 6.66 17.65 12.38
CA LEU A 39 7.47 16.98 11.38
C LEU A 39 6.67 15.99 10.54
N TYR A 40 5.72 15.29 11.19
CA TYR A 40 4.87 14.34 10.51
C TYR A 40 3.91 15.06 9.56
N GLU A 41 3.41 16.23 9.99
CA GLU A 41 2.58 17.06 9.13
C GLU A 41 3.33 17.48 7.87
N GLN A 42 4.55 18.00 8.06
CA GLN A 42 5.42 18.38 6.96
C GLN A 42 5.64 17.23 5.99
N ALA A 43 5.95 16.05 6.55
CA ALA A 43 6.16 14.85 5.75
C ALA A 43 4.94 14.50 4.90
N GLY A 44 3.74 14.71 5.48
CA GLY A 44 2.50 14.53 4.74
C GLY A 44 2.37 15.49 3.57
N LYS A 45 2.74 16.77 3.80
CA LYS A 45 2.74 17.77 2.74
C LYS A 45 3.70 17.39 1.61
N PHE A 46 4.91 16.92 1.98
CA PHE A 46 5.89 16.50 1.00
C PHE A 46 5.40 15.29 0.21
N LEU A 47 4.70 14.38 0.89
CA LEU A 47 4.05 13.27 0.21
C LEU A 47 3.09 13.82 -0.85
N GLU A 48 2.25 14.77 -0.44
CA GLU A 48 1.25 15.35 -1.34
C GLU A 48 1.91 15.98 -2.57
N GLU A 49 3.01 16.70 -2.35
CA GLU A 49 3.79 17.26 -3.44
C GLU A 49 4.27 16.17 -4.39
N VAL A 50 4.92 15.14 -3.83
CA VAL A 50 5.46 14.04 -4.62
C VAL A 50 4.37 13.36 -5.46
N GLN A 51 3.17 13.24 -4.87
CA GLN A 51 2.03 12.68 -5.58
C GLN A 51 1.66 13.51 -6.80
N HIS A 52 1.50 14.83 -6.58
CA HIS A 52 1.16 15.74 -7.66
C HIS A 52 2.20 15.72 -8.78
N ILE A 53 3.49 15.69 -8.41
CA ILE A 53 4.57 15.66 -9.37
C ILE A 53 4.50 14.38 -10.20
N ALA A 54 4.40 13.24 -9.50
CA ALA A 54 4.29 11.94 -10.14
C ALA A 54 3.13 11.88 -11.15
N ARG A 55 1.98 12.41 -10.74
CA ARG A 55 0.80 12.41 -11.60
C ARG A 55 1.02 13.22 -12.88
N GLU A 56 1.71 14.37 -12.75
CA GLU A 56 2.00 15.21 -13.90
C GLU A 56 3.03 14.58 -14.83
N LYS A 57 3.98 13.81 -14.28
CA LYS A 57 4.96 13.09 -15.08
C LYS A 57 4.41 11.79 -15.65
N GLY A 58 3.35 11.26 -15.03
CA GLY A 58 2.78 9.98 -15.41
C GLY A 58 3.55 8.79 -14.83
N GLU A 59 4.06 8.96 -13.61
CA GLU A 59 4.79 7.92 -12.89
C GLU A 59 3.88 7.31 -11.83
N LYS A 60 4.37 6.24 -11.17
CA LYS A 60 3.62 5.60 -10.11
C LYS A 60 3.51 6.56 -8.92
N CYS A 61 2.33 6.57 -8.29
CA CYS A 61 1.98 7.55 -7.27
C CYS A 61 1.90 6.90 -5.89
N PRO A 62 2.79 7.26 -4.94
CA PRO A 62 2.85 6.59 -3.64
C PRO A 62 1.72 7.00 -2.68
N THR A 63 1.23 6.03 -1.91
CA THR A 63 0.20 6.24 -0.91
C THR A 63 0.75 6.41 0.50
N LYS A 64 2.06 6.15 0.68
CA LYS A 64 2.70 6.16 1.98
C LYS A 64 3.96 7.01 1.92
N VAL A 65 4.50 7.35 3.09
CA VAL A 65 5.73 8.11 3.19
C VAL A 65 6.92 7.19 2.94
N THR A 66 7.37 7.18 1.67
CA THR A 66 8.43 6.29 1.22
C THR A 66 9.80 6.96 1.24
N ASN A 67 10.84 6.16 0.94
CA ASN A 67 12.18 6.69 0.73
C ASN A 67 12.20 7.82 -0.28
N GLN A 68 11.36 7.72 -1.31
CA GLN A 68 11.21 8.76 -2.32
C GLN A 68 10.80 10.09 -1.67
N VAL A 69 9.79 10.03 -0.79
CA VAL A 69 9.27 11.23 -0.14
C VAL A 69 10.31 11.84 0.80
N PHE A 70 11.06 10.98 1.51
CA PHE A 70 12.15 11.45 2.34
C PHE A 70 13.22 12.16 1.52
N ARG A 71 13.57 11.57 0.37
CA ARG A 71 14.49 12.20 -0.57
C ARG A 71 14.00 13.58 -1.03
N HIS A 72 12.70 13.67 -1.33
CA HIS A 72 12.10 14.94 -1.72
C HIS A 72 12.27 15.96 -0.61
N ALA A 73 11.81 15.62 0.61
CA ALA A 73 11.90 16.50 1.76
C ALA A 73 13.33 17.00 1.98
N LYS A 74 14.29 16.06 1.90
CA LYS A 74 15.71 16.39 2.04
C LYS A 74 16.14 17.42 1.00
N VAL A 75 15.78 17.17 -0.26
CA VAL A 75 16.12 18.06 -1.36
C VAL A 75 15.46 19.44 -1.21
N GLN A 76 14.30 19.48 -0.53
CA GLN A 76 13.64 20.73 -0.19
C GLN A 76 14.18 21.37 1.09
N GLY A 77 15.33 20.87 1.58
CA GLY A 77 15.98 21.42 2.75
C GLY A 77 15.29 21.06 4.07
N ALA A 78 14.89 19.79 4.20
CA ALA A 78 14.27 19.30 5.42
C ALA A 78 14.67 17.86 5.71
N GLY A 79 15.98 17.58 5.58
CA GLY A 79 16.53 16.28 5.89
C GLY A 79 16.39 15.86 7.35
N TYR A 80 15.99 16.82 8.19
CA TYR A 80 15.62 16.53 9.57
C TYR A 80 14.36 15.66 9.66
N ILE A 81 13.58 15.64 8.56
CA ILE A 81 12.55 14.63 8.36
C ILE A 81 13.20 13.44 7.66
N ASN A 82 13.78 12.53 8.45
CA ASN A 82 14.44 11.34 7.92
C ASN A 82 13.80 10.07 8.45
N LYS A 83 13.97 8.98 7.67
CA LYS A 83 13.33 7.71 7.93
C LYS A 83 13.55 7.20 9.35
N PRO A 84 14.80 7.09 9.85
CA PRO A 84 15.03 6.52 11.18
C PRO A 84 14.17 7.21 12.24
N LYS A 85 14.28 8.54 12.32
CA LYS A 85 13.52 9.33 13.28
C LYS A 85 12.02 9.11 13.14
N MET A 86 11.51 9.18 11.90
CA MET A 86 10.09 9.14 11.69
C MET A 86 9.54 7.78 12.12
N ARG A 87 10.24 6.70 11.74
CA ARG A 87 9.87 5.35 12.13
C ARG A 87 9.96 5.15 13.64
N GLN A 88 10.88 5.88 14.27
CA GLN A 88 11.12 5.79 15.70
C GLN A 88 9.92 6.24 16.54
N TYR A 89 9.32 7.38 16.17
CA TYR A 89 8.29 7.99 17.00
C TYR A 89 6.87 7.89 16.43
N VAL A 90 6.61 6.85 15.63
CA VAL A 90 5.35 6.75 14.90
C VAL A 90 4.21 6.46 15.87
N HIS A 91 4.42 5.50 16.77
CA HIS A 91 3.42 5.14 17.76
C HIS A 91 3.02 6.33 18.63
N CYS A 92 4.00 7.21 18.92
CA CYS A 92 3.74 8.45 19.63
C CYS A 92 2.79 9.33 18.82
N TYR A 93 3.15 9.55 17.55
CA TYR A 93 2.35 10.30 16.63
C TYR A 93 0.94 9.71 16.46
N ALA A 94 0.87 8.38 16.42
CA ALA A 94 -0.39 7.66 16.29
C ALA A 94 -1.29 7.90 17.49
N LEU A 95 -0.73 7.77 18.69
CA LEU A 95 -1.45 8.08 19.92
C LEU A 95 -1.94 9.52 19.94
N HIS A 96 -1.12 10.43 19.39
CA HIS A 96 -1.50 11.82 19.29
C HIS A 96 -2.69 12.05 18.36
N CYS A 97 -2.68 11.35 17.22
CA CYS A 97 -3.74 11.47 16.23
C CYS A 97 -5.06 10.84 16.71
N LEU A 98 -4.94 9.72 17.44
CA LEU A 98 -6.08 8.91 17.82
C LEU A 98 -6.67 9.25 19.18
N ALA A 99 -5.81 9.67 20.12
CA ALA A 99 -6.23 10.03 21.46
C ALA A 99 -5.46 11.25 21.96
N SER A 100 -5.84 12.42 21.43
CA SER A 100 -5.24 13.69 21.81
C SER A 100 -5.09 13.82 23.32
N ASP A 101 -6.23 13.72 24.02
CA ASP A 101 -6.29 13.92 25.45
C ASP A 101 -5.29 13.03 26.19
N LYS A 102 -5.27 11.74 25.82
CA LYS A 102 -4.37 10.79 26.46
C LYS A 102 -2.92 11.14 26.16
N SER A 103 -2.60 11.35 24.89
CA SER A 103 -1.25 11.76 24.50
C SER A 103 -0.79 12.90 25.40
N ASP A 104 -1.63 13.93 25.52
CA ASP A 104 -1.37 15.10 26.35
C ASP A 104 -1.10 14.77 27.81
N GLU A 105 -2.09 14.13 28.46
CA GLU A 105 -2.01 13.85 29.90
C GLU A 105 -0.80 13.00 30.22
N LEU A 106 -0.45 12.09 29.30
CA LEU A 106 0.74 11.27 29.43
C LEU A 106 1.99 12.15 29.41
N ARG A 107 2.07 13.06 28.42
CA ARG A 107 3.21 13.97 28.34
C ARG A 107 3.37 14.75 29.64
N ARG A 108 2.24 15.26 30.15
CA ARG A 108 2.20 15.94 31.44
C ARG A 108 2.85 15.09 32.52
N CYS A 109 2.41 13.82 32.62
CA CYS A 109 2.88 12.93 33.67
C CYS A 109 4.38 12.67 33.56
N CYS A 110 4.81 12.21 32.38
CA CYS A 110 6.21 11.96 32.09
C CYS A 110 7.09 13.16 32.43
N LYS A 111 6.56 14.37 32.20
CA LYS A 111 7.25 15.60 32.56
C LYS A 111 7.34 15.77 34.08
N GLU A 112 6.19 15.63 34.76
CA GLU A 112 6.14 15.79 36.21
C GLU A 112 7.11 14.85 36.92
N ARG A 113 7.24 13.63 36.37
CA ARG A 113 8.16 12.63 36.88
C ARG A 113 9.60 12.89 36.41
N GLY A 114 9.75 13.58 35.29
CA GLY A 114 11.05 14.02 34.81
C GLY A 114 11.78 12.96 33.98
N GLU A 115 11.07 12.41 32.98
CA GLU A 115 11.60 11.36 32.13
C GLU A 115 12.13 11.86 30.80
N ASN A 116 12.99 11.04 30.18
CA ASN A 116 13.52 11.30 28.85
C ASN A 116 12.54 10.83 27.77
N VAL A 117 12.79 11.28 26.54
CA VAL A 117 11.99 10.87 25.38
C VAL A 117 11.92 9.35 25.27
N GLY A 118 13.06 8.68 25.50
CA GLY A 118 13.15 7.23 25.42
C GLY A 118 12.11 6.53 26.28
N ALA A 119 11.88 7.07 27.47
CA ALA A 119 10.86 6.54 28.39
C ALA A 119 9.46 6.83 27.88
N TRP A 120 9.19 8.10 27.57
CA TRP A 120 7.89 8.52 27.06
C TRP A 120 7.44 7.67 25.87
N CYS A 121 8.40 7.29 25.01
CA CYS A 121 8.17 6.36 23.92
C CYS A 121 7.45 5.10 24.38
N GLN A 122 8.04 4.42 25.38
CA GLN A 122 7.52 3.17 25.89
C GLN A 122 6.12 3.38 26.45
N ALA A 123 5.98 4.42 27.29
CA ALA A 123 4.70 4.77 27.87
C ALA A 123 3.59 4.96 26.84
N CYS A 124 3.96 5.40 25.62
CA CYS A 124 3.00 5.60 24.55
C CYS A 124 2.39 4.29 24.02
N TYR A 125 3.16 3.19 24.08
CA TYR A 125 2.70 1.92 23.53
C TYR A 125 1.40 1.42 24.14
N LEU A 126 1.28 1.54 25.47
CA LEU A 126 0.26 0.82 26.22
C LEU A 126 -1.15 1.35 25.97
N PRO A 127 -1.40 2.69 26.00
CA PRO A 127 -2.72 3.22 25.68
C PRO A 127 -3.12 2.89 24.24
N LEU A 128 -2.10 2.76 23.37
CA LEU A 128 -2.29 2.41 21.98
C LEU A 128 -2.76 0.96 21.86
N ILE A 129 -2.16 0.07 22.66
CA ILE A 129 -2.55 -1.33 22.71
C ILE A 129 -3.98 -1.45 23.22
N LYS A 130 -4.30 -0.72 24.29
CA LYS A 130 -5.67 -0.62 24.78
C LYS A 130 -6.61 -0.23 23.63
N MET A 131 -6.22 0.81 22.89
CA MET A 131 -7.00 1.30 21.76
C MET A 131 -7.28 0.21 20.72
N ALA A 132 -6.23 -0.53 20.37
CA ALA A 132 -6.33 -1.62 19.40
C ALA A 132 -7.30 -2.69 19.88
N LYS A 133 -7.13 -3.13 21.13
CA LYS A 133 -7.99 -4.13 21.75
C LYS A 133 -9.47 -3.76 21.70
N GLU A 134 -9.77 -2.46 21.82
CA GLU A 134 -11.15 -1.98 21.76
C GLU A 134 -11.73 -2.03 20.36
N LYS A 135 -10.88 -2.00 19.34
CA LYS A 135 -11.29 -2.18 17.95
C LYS A 135 -10.81 -3.53 17.43
N SER A 136 -11.21 -4.61 18.12
CA SER A 136 -10.96 -5.98 17.69
C SER A 136 -9.49 -6.26 17.35
N TRP A 137 -8.58 -5.69 18.15
CA TRP A 137 -7.15 -5.91 18.03
C TRP A 137 -6.53 -5.49 16.70
N ASP A 138 -7.27 -4.69 15.92
CA ASP A 138 -6.87 -4.37 14.55
C ASP A 138 -6.14 -3.02 14.49
N ILE A 139 -4.89 -3.02 14.98
CA ILE A 139 -4.06 -1.83 14.99
C ILE A 139 -3.79 -1.29 13.58
N GLU A 140 -3.60 -2.21 12.62
CA GLU A 140 -3.39 -1.86 11.23
C GLU A 140 -4.64 -1.15 10.70
N GLY A 141 -5.81 -1.64 11.14
CA GLY A 141 -7.09 -1.00 10.86
C GLY A 141 -7.19 0.43 11.38
N LEU A 142 -6.73 0.66 12.62
CA LEU A 142 -6.72 2.00 13.21
C LEU A 142 -5.94 2.97 12.35
N PHE A 143 -4.71 2.57 11.96
CA PHE A 143 -3.89 3.38 11.08
C PHE A 143 -4.61 3.70 9.77
N ASN A 144 -5.22 2.69 9.14
CA ASN A 144 -5.92 2.87 7.88
C ASN A 144 -7.24 3.63 8.00
N SER A 145 -7.73 3.83 9.23
CA SER A 145 -8.97 4.56 9.46
C SER A 145 -8.72 6.06 9.52
N HIS A 146 -7.70 6.46 10.29
CA HIS A 146 -7.35 7.87 10.44
C HIS A 146 -6.58 8.35 9.22
N ASP A 147 -7.07 9.45 8.62
CA ASP A 147 -6.56 9.94 7.35
C ASP A 147 -5.13 10.48 7.41
N LYS A 148 -4.66 10.77 8.62
CA LYS A 148 -3.30 11.25 8.83
C LYS A 148 -2.31 10.13 9.18
N LEU A 149 -2.85 8.97 9.56
CA LEU A 149 -2.05 7.81 9.86
C LEU A 149 -1.93 6.86 8.67
N LYS A 150 -2.92 6.87 7.76
CA LYS A 150 -2.89 5.96 6.63
C LYS A 150 -1.63 6.05 5.78
N ILE A 151 -0.90 7.17 5.87
CA ILE A 151 0.30 7.38 5.08
C ILE A 151 1.57 6.86 5.76
N TRP A 152 1.43 6.23 6.92
CA TRP A 152 2.56 5.71 7.67
C TRP A 152 2.49 4.19 7.78
N TYR A 153 3.62 3.53 7.52
CA TYR A 153 3.71 2.10 7.76
C TYR A 153 3.56 1.83 9.26
N VAL A 154 2.84 0.75 9.59
CA VAL A 154 2.67 0.33 10.96
C VAL A 154 3.94 -0.45 11.34
N PRO A 155 4.66 -0.06 12.42
CA PRO A 155 5.83 -0.82 12.87
C PRO A 155 5.51 -2.25 13.29
N LYS A 156 6.40 -3.18 12.93
CA LYS A 156 6.35 -4.55 13.45
C LYS A 156 6.07 -4.58 14.94
N LYS A 157 6.85 -3.81 15.70
CA LYS A 157 6.85 -3.87 17.15
C LYS A 157 5.47 -3.61 17.74
N LEU A 158 4.75 -2.64 17.17
CA LEU A 158 3.41 -2.32 17.64
C LEU A 158 2.45 -3.48 17.40
N ILE A 159 2.53 -4.09 16.21
CA ILE A 159 1.69 -5.24 15.89
C ILE A 159 1.96 -6.37 16.88
N GLN A 160 3.24 -6.70 17.05
CA GLN A 160 3.68 -7.69 18.02
C GLN A 160 3.09 -7.46 19.40
N LEU A 161 3.26 -6.24 19.91
CA LEU A 161 2.86 -5.91 21.27
C LEU A 161 1.35 -6.00 21.45
N CYS A 162 0.60 -5.61 20.40
CA CYS A 162 -0.84 -5.81 20.37
C CYS A 162 -1.17 -7.30 20.46
N HIS A 163 -0.43 -8.12 19.71
CA HIS A 163 -0.66 -9.55 19.70
C HIS A 163 -0.29 -10.24 21.02
N GLN A 164 0.76 -9.73 21.68
CA GLN A 164 1.19 -10.26 22.96
C GLN A 164 0.20 -9.92 24.06
N GLU A 165 -0.41 -8.74 23.98
CA GLU A 165 -1.46 -8.36 24.92
C GLU A 165 -2.69 -9.23 24.69
N LYS A 166 -2.94 -9.59 23.42
CA LYS A 166 -3.98 -10.54 23.08
C LYS A 166 -3.68 -11.91 23.69
N SER A 167 -2.39 -12.29 23.69
CA SER A 167 -1.95 -13.59 24.14
C SER A 167 -1.86 -13.75 25.66
N LYS A 168 -1.21 -12.76 26.30
CA LYS A 168 -0.93 -12.79 27.73
C LYS A 168 -2.21 -12.55 28.53
N ARG B 11 6.71 -29.60 -9.61
CA ARG B 11 5.59 -29.13 -10.41
C ARG B 11 5.93 -29.15 -11.90
N PRO B 12 5.02 -29.63 -12.78
CA PRO B 12 5.26 -29.62 -14.23
C PRO B 12 5.03 -28.25 -14.85
N ARG B 13 5.76 -27.93 -15.92
CA ARG B 13 5.56 -26.69 -16.65
C ARG B 13 4.16 -26.70 -17.26
N GLU B 14 3.47 -25.56 -17.16
CA GLU B 14 2.06 -25.49 -17.50
C GLU B 14 1.82 -25.29 -18.99
N HIS B 15 0.62 -25.67 -19.45
CA HIS B 15 0.24 -25.57 -20.84
C HIS B 15 0.14 -24.10 -21.28
N PRO B 16 0.57 -23.76 -22.52
CA PRO B 16 0.40 -22.41 -23.05
C PRO B 16 -1.05 -21.93 -23.12
N PHE B 17 -1.26 -20.63 -22.91
CA PHE B 17 -2.59 -20.04 -23.03
C PHE B 17 -2.97 -19.84 -24.49
N VAL B 18 -4.27 -19.78 -24.76
CA VAL B 18 -4.79 -19.48 -26.09
C VAL B 18 -6.04 -18.61 -25.97
N VAL B 19 -6.35 -17.85 -27.02
CA VAL B 19 -7.47 -16.93 -27.03
C VAL B 19 -8.77 -17.74 -26.99
N THR B 20 -9.75 -17.22 -26.24
CA THR B 20 -10.97 -17.95 -25.92
C THR B 20 -12.19 -17.03 -25.91
N GLU B 21 -13.39 -17.63 -25.86
CA GLU B 21 -14.66 -16.93 -25.74
C GLU B 21 -15.24 -17.17 -24.34
N PRO B 22 -16.15 -16.32 -23.84
CA PRO B 22 -16.58 -16.38 -22.43
C PRO B 22 -16.90 -17.78 -21.90
N GLY B 23 -17.61 -18.59 -22.70
CA GLY B 23 -18.00 -19.92 -22.27
C GLY B 23 -17.23 -21.06 -22.92
N GLU B 24 -16.24 -20.72 -23.76
CA GLU B 24 -15.57 -21.69 -24.60
C GLU B 24 -14.51 -22.43 -23.80
N LEU B 25 -14.40 -23.75 -24.03
CA LEU B 25 -13.32 -24.56 -23.51
C LEU B 25 -12.09 -24.46 -24.41
N ALA B 26 -10.90 -24.57 -23.81
CA ALA B 26 -9.69 -24.84 -24.58
C ALA B 26 -9.74 -26.31 -24.97
N ARG B 27 -8.97 -26.69 -26.00
CA ARG B 27 -8.99 -28.05 -26.50
C ARG B 27 -7.74 -28.77 -26.01
N GLY B 28 -6.62 -28.62 -26.73
CA GLY B 28 -5.48 -29.50 -26.60
C GLY B 28 -4.62 -29.24 -25.37
N LYS B 29 -3.29 -29.40 -25.52
CA LYS B 29 -2.35 -29.10 -24.45
C LYS B 29 -2.22 -27.59 -24.30
N LYS B 30 -3.33 -26.94 -23.97
CA LYS B 30 -3.45 -25.48 -23.95
C LYS B 30 -4.51 -25.07 -22.92
N ASN B 31 -4.28 -23.92 -22.25
CA ASN B 31 -5.23 -23.36 -21.31
C ASN B 31 -5.98 -22.18 -21.90
N GLY B 32 -7.22 -21.97 -21.44
CA GLY B 32 -8.07 -20.89 -21.90
C GLY B 32 -7.95 -19.62 -21.05
N LEU B 33 -8.66 -18.56 -21.47
CA LEU B 33 -8.58 -17.27 -20.81
C LEU B 33 -9.43 -17.18 -19.56
N ASP B 34 -10.55 -17.91 -19.51
CA ASP B 34 -11.37 -17.99 -18.32
C ASP B 34 -10.60 -18.64 -17.16
N TYR B 35 -9.78 -19.64 -17.51
CA TYR B 35 -8.80 -20.21 -16.62
C TYR B 35 -7.82 -19.14 -16.12
N LEU B 36 -7.23 -18.41 -17.08
CA LEU B 36 -6.33 -17.30 -16.76
C LEU B 36 -6.93 -16.40 -15.69
N PHE B 37 -8.20 -15.98 -15.90
CA PHE B 37 -8.88 -15.10 -14.97
C PHE B 37 -9.13 -15.77 -13.62
N ASN B 38 -9.46 -17.07 -13.65
CA ASN B 38 -9.65 -17.82 -12.42
C ASN B 38 -8.41 -17.77 -11.54
N LEU B 39 -7.23 -17.83 -12.17
CA LEU B 39 -5.96 -17.78 -11.44
C LEU B 39 -5.88 -16.57 -10.51
N TYR B 40 -6.42 -15.44 -10.98
CA TYR B 40 -6.43 -14.21 -10.19
C TYR B 40 -7.36 -14.35 -8.99
N GLU B 41 -8.49 -15.03 -9.20
CA GLU B 41 -9.42 -15.32 -8.11
C GLU B 41 -8.74 -16.16 -7.02
N GLN B 42 -8.10 -17.26 -7.46
CA GLN B 42 -7.35 -18.13 -6.57
C GLN B 42 -6.30 -17.36 -5.77
N ALA B 43 -5.55 -16.50 -6.47
CA ALA B 43 -4.52 -15.68 -5.85
C ALA B 43 -5.10 -14.78 -4.76
N GLY B 44 -6.31 -14.25 -5.01
CA GLY B 44 -7.02 -13.48 -4.02
C GLY B 44 -7.38 -14.28 -2.78
N LYS B 45 -7.83 -15.53 -2.99
CA LYS B 45 -8.13 -16.43 -1.89
C LYS B 45 -6.89 -16.77 -1.07
N PHE B 46 -5.77 -17.01 -1.74
CA PHE B 46 -4.51 -17.28 -1.07
C PHE B 46 -4.04 -16.06 -0.28
N LEU B 47 -4.27 -14.87 -0.82
CA LEU B 47 -4.02 -13.64 -0.08
C LEU B 47 -4.83 -13.65 1.21
N GLU B 48 -6.13 -13.95 1.09
CA GLU B 48 -7.03 -13.95 2.24
C GLU B 48 -6.54 -14.93 3.31
N GLU B 49 -6.11 -16.12 2.89
CA GLU B 49 -5.54 -17.10 3.79
C GLU B 49 -4.32 -16.53 4.52
N VAL B 50 -3.37 -15.99 3.75
CA VAL B 50 -2.15 -15.42 4.30
C VAL B 50 -2.44 -14.32 5.31
N GLN B 51 -3.48 -13.52 5.04
CA GLN B 51 -3.92 -12.48 5.95
C GLN B 51 -4.37 -13.07 7.29
N HIS B 52 -5.26 -14.05 7.22
CA HIS B 52 -5.77 -14.71 8.42
C HIS B 52 -4.65 -15.35 9.24
N ILE B 53 -3.71 -16.01 8.56
CA ILE B 53 -2.59 -16.64 9.22
C ILE B 53 -1.73 -15.60 9.94
N ALA B 54 -1.36 -14.54 9.21
CA ALA B 54 -0.58 -13.45 9.75
C ALA B 54 -1.21 -12.84 11.01
N ARG B 55 -2.53 -12.62 10.95
CA ARG B 55 -3.26 -12.04 12.07
C ARG B 55 -3.20 -12.95 13.30
N GLU B 56 -3.31 -14.26 13.10
CA GLU B 56 -3.25 -15.21 14.19
C GLU B 56 -1.84 -15.33 14.79
N LYS B 57 -0.81 -15.16 13.95
CA LYS B 57 0.56 -15.16 14.43
C LYS B 57 0.98 -13.80 15.01
N GLY B 58 0.26 -12.74 14.65
CA GLY B 58 0.60 -11.39 15.07
C GLY B 58 1.70 -10.75 14.24
N GLU B 59 1.72 -11.07 12.93
CA GLU B 59 2.67 -10.51 12.00
C GLU B 59 2.01 -9.43 11.15
N LYS B 60 2.80 -8.75 10.30
CA LYS B 60 2.27 -7.76 9.39
C LYS B 60 1.34 -8.43 8.37
N CYS B 61 0.24 -7.75 8.06
CA CYS B 61 -0.83 -8.30 7.23
C CYS B 61 -0.88 -7.62 5.86
N PRO B 62 -0.58 -8.34 4.75
CA PRO B 62 -0.48 -7.70 3.43
C PRO B 62 -1.83 -7.36 2.81
N THR B 63 -1.88 -6.22 2.11
CA THR B 63 -3.07 -5.76 1.40
C THR B 63 -3.06 -6.11 -0.09
N LYS B 64 -1.91 -6.58 -0.59
CA LYS B 64 -1.71 -6.85 -2.00
C LYS B 64 -1.12 -8.24 -2.18
N VAL B 65 -1.13 -8.73 -3.42
CA VAL B 65 -0.58 -10.04 -3.74
C VAL B 65 0.94 -9.95 -3.82
N THR B 66 1.60 -10.28 -2.71
CA THR B 66 3.05 -10.13 -2.57
C THR B 66 3.80 -11.43 -2.86
N ASN B 67 5.13 -11.34 -2.86
CA ASN B 67 5.99 -12.52 -2.92
C ASN B 67 5.61 -13.57 -1.87
N GLN B 68 5.22 -13.08 -0.68
CA GLN B 68 4.77 -13.96 0.38
C GLN B 68 3.57 -14.80 -0.04
N VAL B 69 2.58 -14.14 -0.67
CA VAL B 69 1.36 -14.80 -1.10
C VAL B 69 1.66 -15.80 -2.23
N PHE B 70 2.57 -15.44 -3.13
CA PHE B 70 3.00 -16.37 -4.18
C PHE B 70 3.65 -17.61 -3.57
N ARG B 71 4.53 -17.40 -2.57
CA ARG B 71 5.14 -18.49 -1.83
C ARG B 71 4.10 -19.41 -1.20
N HIS B 72 3.06 -18.80 -0.60
CA HIS B 72 1.98 -19.57 0.00
C HIS B 72 1.29 -20.43 -1.05
N ALA B 73 0.84 -19.79 -2.14
CA ALA B 73 0.16 -20.49 -3.22
C ALA B 73 0.99 -21.67 -3.73
N LYS B 74 2.29 -21.42 -3.95
CA LYS B 74 3.21 -22.45 -4.39
C LYS B 74 3.25 -23.64 -3.42
N VAL B 75 3.38 -23.33 -2.13
CA VAL B 75 3.41 -24.35 -1.09
C VAL B 75 2.08 -25.11 -0.98
N GLN B 76 0.98 -24.46 -1.38
CA GLN B 76 -0.31 -25.12 -1.47
C GLN B 76 -0.51 -25.85 -2.80
N GLY B 77 0.57 -26.02 -3.57
CA GLY B 77 0.53 -26.74 -4.82
C GLY B 77 -0.14 -25.96 -5.96
N ALA B 78 0.20 -24.68 -6.07
CA ALA B 78 -0.32 -23.84 -7.14
C ALA B 78 0.72 -22.83 -7.61
N GLY B 79 1.95 -23.32 -7.81
CA GLY B 79 3.04 -22.50 -8.33
C GLY B 79 2.80 -21.96 -9.73
N TYR B 80 1.75 -22.46 -10.40
CA TYR B 80 1.28 -21.92 -11.66
C TYR B 80 0.73 -20.50 -11.50
N ILE B 81 0.37 -20.15 -10.25
CA ILE B 81 0.15 -18.76 -9.86
C ILE B 81 1.49 -18.17 -9.42
N ASN B 82 2.26 -17.67 -10.39
CA ASN B 82 3.56 -17.07 -10.12
C ASN B 82 3.62 -15.62 -10.58
N LYS B 83 4.54 -14.86 -9.94
CA LYS B 83 4.64 -13.43 -10.13
C LYS B 83 4.74 -13.02 -11.60
N PRO B 84 5.69 -13.57 -12.39
CA PRO B 84 5.86 -13.14 -13.79
C PRO B 84 4.54 -13.18 -14.55
N LYS B 85 3.90 -14.35 -14.55
CA LYS B 85 2.63 -14.53 -15.24
C LYS B 85 1.56 -13.54 -14.77
N MET B 86 1.42 -13.42 -13.45
CA MET B 86 0.33 -12.60 -12.90
C MET B 86 0.53 -11.15 -13.31
N ARG B 87 1.77 -10.66 -13.19
CA ARG B 87 2.10 -9.29 -13.60
C ARG B 87 1.94 -9.08 -15.10
N GLN B 88 2.14 -10.16 -15.86
CA GLN B 88 2.05 -10.12 -17.31
C GLN B 88 0.64 -9.80 -17.81
N TYR B 89 -0.38 -10.44 -17.23
CA TYR B 89 -1.74 -10.35 -17.75
C TYR B 89 -2.69 -9.52 -16.88
N VAL B 90 -2.15 -8.56 -16.13
CA VAL B 90 -2.94 -7.83 -15.14
C VAL B 90 -3.93 -6.91 -15.85
N HIS B 91 -3.44 -6.17 -16.86
CA HIS B 91 -4.28 -5.27 -17.63
C HIS B 91 -5.45 -6.01 -18.28
N CYS B 92 -5.22 -7.24 -18.73
CA CYS B 92 -6.27 -8.10 -19.25
C CYS B 92 -7.32 -8.36 -18.18
N TYR B 93 -6.85 -8.82 -17.02
CA TYR B 93 -7.71 -9.07 -15.88
C TYR B 93 -8.48 -7.83 -15.44
N ALA B 94 -7.79 -6.67 -15.48
CA ALA B 94 -8.37 -5.39 -15.12
C ALA B 94 -9.52 -5.02 -16.05
N LEU B 95 -9.27 -5.15 -17.37
CA LEU B 95 -10.30 -4.93 -18.38
C LEU B 95 -11.49 -5.85 -18.17
N HIS B 96 -11.20 -7.10 -17.76
CA HIS B 96 -12.25 -8.07 -17.48
C HIS B 96 -13.11 -7.64 -16.29
N CYS B 97 -12.47 -7.15 -15.23
CA CYS B 97 -13.16 -6.73 -14.02
C CYS B 97 -13.97 -5.46 -14.23
N LEU B 98 -13.43 -4.54 -15.04
CA LEU B 98 -13.99 -3.21 -15.21
C LEU B 98 -14.97 -3.09 -16.37
N ALA B 99 -14.72 -3.84 -17.45
CA ALA B 99 -15.56 -3.81 -18.63
C ALA B 99 -15.74 -5.21 -19.20
N SER B 100 -16.56 -6.02 -18.53
CA SER B 100 -16.85 -7.39 -18.93
C SER B 100 -17.16 -7.46 -20.42
N ASP B 101 -18.18 -6.71 -20.83
CA ASP B 101 -18.68 -6.73 -22.21
C ASP B 101 -17.57 -6.50 -23.22
N LYS B 102 -16.75 -5.48 -22.97
CA LYS B 102 -15.66 -5.12 -23.86
C LYS B 102 -14.60 -6.22 -23.89
N SER B 103 -14.17 -6.66 -22.70
CA SER B 103 -13.23 -7.76 -22.61
C SER B 103 -13.67 -8.91 -23.51
N ASP B 104 -14.96 -9.29 -23.36
CA ASP B 104 -15.57 -10.36 -24.12
C ASP B 104 -15.52 -10.14 -25.63
N GLU B 105 -16.12 -9.03 -26.09
CA GLU B 105 -16.26 -8.74 -27.51
C GLU B 105 -14.89 -8.69 -28.18
N LEU B 106 -13.90 -8.17 -27.44
CA LEU B 106 -12.53 -8.14 -27.91
C LEU B 106 -12.00 -9.55 -28.11
N ARG B 107 -12.18 -10.41 -27.11
CA ARG B 107 -11.76 -11.79 -27.18
C ARG B 107 -12.35 -12.46 -28.43
N ARG B 108 -13.66 -12.23 -28.63
CA ARG B 108 -14.36 -12.72 -29.80
C ARG B 108 -13.64 -12.32 -31.08
N CYS B 109 -13.32 -11.01 -31.19
CA CYS B 109 -12.71 -10.48 -32.39
C CYS B 109 -11.33 -11.09 -32.65
N CYS B 110 -10.46 -11.01 -31.64
CA CYS B 110 -9.13 -11.58 -31.70
C CYS B 110 -9.15 -13.05 -32.12
N LYS B 111 -10.19 -13.78 -31.66
CA LYS B 111 -10.38 -15.16 -32.06
C LYS B 111 -10.77 -15.28 -33.53
N GLU B 112 -11.78 -14.50 -33.95
CA GLU B 112 -12.25 -14.53 -35.33
C GLU B 112 -11.15 -14.22 -36.33
N ARG B 113 -10.23 -13.33 -35.93
CA ARG B 113 -9.05 -13.01 -36.73
C ARG B 113 -7.96 -14.08 -36.59
N GLY B 114 -7.95 -14.78 -35.45
CA GLY B 114 -7.04 -15.89 -35.21
C GLY B 114 -5.66 -15.45 -34.71
N GLU B 115 -5.65 -14.60 -33.67
CA GLU B 115 -4.41 -14.08 -33.13
C GLU B 115 -4.02 -14.76 -31.81
N ASN B 116 -2.74 -14.62 -31.46
CA ASN B 116 -2.16 -15.24 -30.28
C ASN B 116 -2.41 -14.41 -29.02
N VAL B 117 -2.18 -15.01 -27.84
CA VAL B 117 -2.30 -14.30 -26.57
C VAL B 117 -1.48 -13.01 -26.57
N GLY B 118 -0.25 -13.09 -27.11
CA GLY B 118 0.64 -11.94 -27.16
C GLY B 118 -0.01 -10.70 -27.79
N ALA B 119 -0.79 -10.94 -28.86
CA ALA B 119 -1.52 -9.88 -29.53
C ALA B 119 -2.69 -9.38 -28.68
N TRP B 120 -3.52 -10.33 -28.22
CA TRP B 120 -4.67 -10.00 -27.38
C TRP B 120 -4.28 -9.12 -26.20
N CYS B 121 -3.10 -9.39 -25.61
CA CYS B 121 -2.52 -8.55 -24.57
C CYS B 121 -2.53 -7.08 -24.97
N GLN B 122 -1.91 -6.77 -26.11
CA GLN B 122 -1.78 -5.40 -26.59
C GLN B 122 -3.16 -4.79 -26.81
N ALA B 123 -4.03 -5.53 -27.49
CA ALA B 123 -5.39 -5.10 -27.73
C ALA B 123 -6.15 -4.72 -26.46
N CYS B 124 -5.79 -5.34 -25.33
CA CYS B 124 -6.43 -5.03 -24.06
C CYS B 124 -6.07 -3.65 -23.50
N TYR B 125 -4.87 -3.14 -23.82
CA TYR B 125 -4.41 -1.87 -23.27
C TYR B 125 -5.35 -0.70 -23.58
N LEU B 126 -5.80 -0.64 -24.83
CA LEU B 126 -6.40 0.56 -25.38
C LEU B 126 -7.79 0.85 -24.80
N PRO B 127 -8.71 -0.14 -24.70
CA PRO B 127 -10.00 0.08 -24.05
C PRO B 127 -9.84 0.47 -22.59
N LEU B 128 -8.76 -0.01 -21.98
CA LEU B 128 -8.41 0.31 -20.61
C LEU B 128 -8.00 1.78 -20.48
N ILE B 129 -7.22 2.26 -21.46
CA ILE B 129 -6.83 3.66 -21.50
C ILE B 129 -8.06 4.55 -21.69
N LYS B 130 -8.95 4.15 -22.63
CA LYS B 130 -10.23 4.81 -22.79
C LYS B 130 -10.95 4.89 -21.44
N MET B 131 -11.00 3.76 -20.73
CA MET B 131 -11.67 3.68 -19.44
C MET B 131 -11.11 4.69 -18.43
N ALA B 132 -9.77 4.75 -18.36
CA ALA B 132 -9.09 5.66 -17.46
C ALA B 132 -9.44 7.12 -17.77
N LYS B 133 -9.34 7.47 -19.07
CA LYS B 133 -9.65 8.81 -19.55
C LYS B 133 -11.06 9.27 -19.17
N GLU B 134 -12.01 8.33 -19.14
CA GLU B 134 -13.39 8.64 -18.76
C GLU B 134 -13.54 8.91 -17.26
N LYS B 135 -12.63 8.36 -16.45
CA LYS B 135 -12.58 8.64 -15.02
C LYS B 135 -11.36 9.51 -14.69
N SER B 136 -11.30 10.68 -15.35
CA SER B 136 -10.29 11.69 -15.07
C SER B 136 -8.85 11.15 -15.08
N TRP B 137 -8.58 10.25 -16.03
CA TRP B 137 -7.25 9.69 -16.23
C TRP B 137 -6.65 8.94 -15.04
N ASP B 138 -7.49 8.59 -14.06
CA ASP B 138 -7.02 8.05 -12.80
C ASP B 138 -7.08 6.53 -12.79
N ILE B 139 -6.18 5.89 -13.56
CA ILE B 139 -6.11 4.44 -13.66
C ILE B 139 -5.83 3.78 -12.31
N GLU B 140 -4.97 4.41 -11.51
CA GLU B 140 -4.64 3.93 -10.17
C GLU B 140 -5.90 3.96 -9.30
N GLY B 141 -6.70 5.02 -9.50
CA GLY B 141 -8.01 5.13 -8.87
C GLY B 141 -8.97 3.99 -9.22
N LEU B 142 -9.02 3.61 -10.50
CA LEU B 142 -9.87 2.53 -10.96
C LEU B 142 -9.51 1.23 -10.24
N PHE B 143 -8.20 0.91 -10.20
CA PHE B 143 -7.73 -0.25 -9.45
C PHE B 143 -8.17 -0.23 -7.99
N ASN B 144 -7.98 0.91 -7.34
CA ASN B 144 -8.35 1.06 -5.92
C ASN B 144 -9.85 1.11 -5.66
N SER B 145 -10.66 1.27 -6.73
CA SER B 145 -12.10 1.32 -6.60
C SER B 145 -12.71 -0.08 -6.60
N HIS B 146 -12.27 -0.90 -7.56
CA HIS B 146 -12.78 -2.26 -7.68
C HIS B 146 -12.10 -3.16 -6.64
N ASP B 147 -12.92 -3.87 -5.86
CA ASP B 147 -12.44 -4.66 -4.73
C ASP B 147 -11.55 -5.83 -5.11
N LYS B 148 -11.65 -6.26 -6.37
CA LYS B 148 -10.86 -7.39 -6.87
C LYS B 148 -9.57 -6.94 -7.56
N LEU B 149 -9.49 -5.64 -7.90
CA LEU B 149 -8.28 -5.05 -8.45
C LEU B 149 -7.39 -4.42 -7.39
N LYS B 150 -8.01 -3.97 -6.27
CA LYS B 150 -7.31 -3.40 -5.13
C LYS B 150 -6.06 -4.14 -4.71
N ILE B 151 -6.05 -5.47 -4.89
CA ILE B 151 -5.00 -6.32 -4.37
C ILE B 151 -3.85 -6.53 -5.36
N TRP B 152 -3.92 -5.84 -6.51
CA TRP B 152 -2.90 -5.96 -7.54
C TRP B 152 -2.17 -4.64 -7.72
N TYR B 153 -0.84 -4.70 -7.73
CA TYR B 153 -0.03 -3.55 -8.08
C TYR B 153 -0.34 -3.13 -9.51
N VAL B 154 -0.42 -1.81 -9.73
CA VAL B 154 -0.75 -1.28 -11.04
C VAL B 154 0.58 -1.21 -11.78
N PRO B 155 0.71 -1.85 -12.97
CA PRO B 155 1.96 -1.79 -13.72
C PRO B 155 2.35 -0.38 -14.17
N LYS B 156 3.65 -0.07 -14.11
CA LYS B 156 4.19 1.17 -14.64
C LYS B 156 3.63 1.45 -16.04
N LYS B 157 3.72 0.44 -16.91
CA LYS B 157 3.43 0.59 -18.33
C LYS B 157 2.02 1.11 -18.58
N LEU B 158 1.05 0.61 -17.80
CA LEU B 158 -0.32 1.05 -17.94
C LEU B 158 -0.47 2.52 -17.57
N ILE B 159 0.16 2.93 -16.46
CA ILE B 159 0.13 4.31 -16.02
C ILE B 159 0.71 5.21 -17.11
N GLN B 160 1.92 4.84 -17.57
CA GLN B 160 2.59 5.53 -18.66
C GLN B 160 1.68 5.73 -19.86
N LEU B 161 1.08 4.64 -20.34
CA LEU B 161 0.29 4.66 -21.56
C LEU B 161 -0.95 5.53 -21.40
N CYS B 162 -1.56 5.51 -20.20
CA CYS B 162 -2.63 6.43 -19.88
C CYS B 162 -2.14 7.88 -19.97
N HIS B 163 -0.96 8.14 -19.43
CA HIS B 163 -0.40 9.49 -19.44
C HIS B 163 -0.01 9.96 -20.84
N GLN B 164 0.45 9.03 -21.69
CA GLN B 164 0.83 9.36 -23.04
C GLN B 164 -0.38 9.67 -23.90
N GLU B 165 -1.50 8.97 -23.64
CA GLU B 165 -2.76 9.26 -24.32
C GLU B 165 -3.27 10.63 -23.86
N LYS B 166 -3.03 10.96 -22.58
CA LYS B 166 -3.32 12.29 -22.07
C LYS B 166 -2.47 13.35 -22.79
N SER B 167 -1.21 13.00 -23.07
CA SER B 167 -0.24 13.93 -23.63
C SER B 167 -0.42 14.18 -25.12
N LYS B 168 -0.87 13.15 -25.86
CA LYS B 168 -1.00 13.25 -27.31
C LYS B 168 -2.37 13.76 -27.74
N HIS B 169 -3.44 13.19 -27.16
CA HIS B 169 -4.80 13.61 -27.47
C HIS B 169 -5.19 14.89 -26.73
#